data_1RU4
#
_entry.id   1RU4
#
_cell.length_a   55.330
_cell.length_b   57.830
_cell.length_c   114.930
_cell.angle_alpha   90.00
_cell.angle_beta   90.00
_cell.angle_gamma   90.00
#
_symmetry.space_group_name_H-M   'P 21 21 21'
#
loop_
_entity.id
_entity.type
_entity.pdbx_description
1 polymer 'Pectate lyase'
2 non-polymer 'CALCIUM ION'
3 water water
#
_entity_poly.entity_id   1
_entity_poly.type   'polypeptide(L)'
_entity_poly.pdbx_seq_one_letter_code
;ADCSSDLTSGISTKRIYYVAPNGNSSNNGSSFNAPMSFSAAMAAVNPGELILLKPGTYTIPYTQGKGNTITFNKSGKDGA
PIYVAAANCGRAVFDFSFPDSQWVQASYGFYVTGDYWYFKGVEVTRAGYQGAYVIGSHNTFENTAFHHNRNTGLEINNGG
SYNTVINSDAYRNYDPKKNGSMADGFGPKQKQGPGNRFVGCRAWENSDDGFDLFDSPQKVVIENSWAFRNGINYWNDSAF
AGNGNGFKLGGNQAVGNHRITRSVAFGNVSKGFDQNNNAGGVTVINNTSYKNGINYGFGSNVQSGQKHYFRNNVSLSASV
TVSNADAKSNSWDTGPAASASDFVSLDTSLATVSRDNDGTLPETSLFRLSANSKLINAGTKESNISYSGSAPDLGAFERN
;
_entity_poly.pdbx_strand_id   A
#
# COMPACT_ATOMS: atom_id res chain seq x y z
N ALA A 1 -5.28 -17.70 4.39
CA ALA A 1 -6.04 -18.69 5.19
C ALA A 1 -7.17 -18.05 5.97
N ASP A 2 -7.98 -18.88 6.61
CA ASP A 2 -9.13 -18.43 7.40
C ASP A 2 -8.75 -18.47 8.88
N CYS A 3 -8.56 -17.30 9.49
CA CYS A 3 -8.23 -17.20 10.90
C CYS A 3 -9.39 -16.71 11.78
N SER A 4 -10.62 -16.88 11.30
CA SER A 4 -11.80 -16.44 12.05
C SER A 4 -11.99 -17.16 13.39
N SER A 5 -11.44 -18.35 13.52
CA SER A 5 -11.58 -19.11 14.77
C SER A 5 -10.59 -18.69 15.85
N ASP A 6 -9.68 -17.79 15.50
CA ASP A 6 -8.65 -17.31 16.42
C ASP A 6 -9.04 -15.97 17.03
N LEU A 7 -9.36 -15.98 18.32
CA LEU A 7 -9.77 -14.76 19.03
C LEU A 7 -8.80 -13.60 18.81
N THR A 8 -7.51 -13.86 19.00
CA THR A 8 -6.48 -12.82 18.88
C THR A 8 -5.90 -12.63 17.49
N SER A 9 -6.54 -13.23 16.49
CA SER A 9 -6.15 -13.05 15.09
C SER A 9 -4.68 -13.32 14.80
N GLY A 10 -4.15 -14.40 15.37
CA GLY A 10 -2.77 -14.79 15.11
C GLY A 10 -1.72 -14.21 16.04
N ILE A 11 -2.14 -13.32 16.95
CA ILE A 11 -1.23 -12.64 17.85
C ILE A 11 -1.02 -13.37 19.18
N SER A 12 0.24 -13.50 19.59
CA SER A 12 0.60 -14.07 20.88
C SER A 12 0.85 -12.92 21.86
N THR A 13 0.10 -12.90 22.96
CA THR A 13 0.23 -11.80 23.92
C THR A 13 0.04 -12.24 25.37
N LYS A 14 0.63 -11.47 26.29
CA LYS A 14 0.55 -11.77 27.72
C LYS A 14 -0.63 -11.09 28.40
N ARG A 15 -1.28 -10.16 27.70
CA ARG A 15 -2.38 -9.39 28.26
C ARG A 15 -3.28 -8.83 27.18
N ILE A 16 -4.58 -9.03 27.33
CA ILE A 16 -5.57 -8.55 26.39
C ILE A 16 -6.47 -7.48 27.02
N TYR A 17 -6.61 -6.36 26.32
CA TYR A 17 -7.53 -5.30 26.72
C TYR A 17 -8.70 -5.35 25.73
N TYR A 18 -9.86 -5.79 26.22
CA TYR A 18 -11.05 -5.89 25.38
C TYR A 18 -11.71 -4.52 25.19
N VAL A 19 -11.84 -4.12 23.93
CA VAL A 19 -12.39 -2.83 23.55
C VAL A 19 -13.56 -2.98 22.59
N ALA A 20 -14.54 -2.09 22.70
CA ALA A 20 -15.70 -2.07 21.82
C ALA A 20 -16.10 -0.62 21.59
N PRO A 21 -16.89 -0.34 20.53
CA PRO A 21 -17.33 1.02 20.24
C PRO A 21 -18.08 1.68 21.40
N ASN A 22 -18.87 0.88 22.13
CA ASN A 22 -19.62 1.39 23.27
C ASN A 22 -18.90 1.17 24.60
N GLY A 23 -17.61 0.89 24.54
CA GLY A 23 -16.82 0.70 25.75
C GLY A 23 -16.75 1.96 26.59
N ASN A 24 -16.71 1.80 27.92
CA ASN A 24 -16.69 2.96 28.81
C ASN A 24 -16.00 2.70 30.15
N SER A 25 -15.89 3.77 30.94
CA SER A 25 -15.19 3.76 32.23
C SER A 25 -15.75 2.83 33.31
N SER A 26 -16.98 2.35 33.14
CA SER A 26 -17.58 1.45 34.12
C SER A 26 -17.13 0.01 33.88
N ASN A 27 -16.17 -0.17 32.98
CA ASN A 27 -15.66 -1.49 32.63
C ASN A 27 -14.13 -1.55 32.74
N ASN A 28 -13.59 -2.75 32.94
CA ASN A 28 -12.14 -2.94 33.08
C ASN A 28 -11.49 -3.61 31.87
N GLY A 29 -12.29 -3.91 30.85
CA GLY A 29 -11.77 -4.54 29.64
C GLY A 29 -11.34 -5.98 29.81
N SER A 30 -12.00 -6.69 30.73
CA SER A 30 -11.67 -8.10 31.00
C SER A 30 -12.30 -9.08 30.03
N SER A 31 -13.28 -8.61 29.27
CA SER A 31 -13.94 -9.42 28.23
C SER A 31 -14.82 -8.48 27.40
N PHE A 32 -15.44 -9.02 26.35
CA PHE A 32 -16.35 -8.23 25.53
C PHE A 32 -17.68 -7.95 26.24
N ASN A 33 -17.85 -8.54 27.42
CA ASN A 33 -19.04 -8.28 28.24
C ASN A 33 -18.77 -7.09 29.15
N ALA A 34 -17.50 -6.69 29.25
CA ALA A 34 -17.08 -5.53 30.03
C ALA A 34 -16.01 -4.77 29.24
N PRO A 35 -16.34 -4.33 28.01
CA PRO A 35 -15.41 -3.59 27.16
C PRO A 35 -15.06 -2.17 27.63
N MET A 36 -13.80 -1.82 27.52
CA MET A 36 -13.35 -0.47 27.85
C MET A 36 -13.27 0.34 26.55
N SER A 37 -13.10 1.65 26.68
CA SER A 37 -13.00 2.52 25.50
C SER A 37 -11.62 2.39 24.87
N PHE A 38 -11.50 2.81 23.62
CA PHE A 38 -10.23 2.75 22.92
C PHE A 38 -9.19 3.62 23.63
N SER A 39 -9.61 4.81 24.06
CA SER A 39 -8.72 5.73 24.76
C SER A 39 -8.21 5.16 26.09
N ALA A 40 -9.07 4.47 26.82
CA ALA A 40 -8.69 3.86 28.09
C ALA A 40 -7.66 2.76 27.87
N ALA A 41 -7.87 1.96 26.83
CA ALA A 41 -6.93 0.89 26.48
C ALA A 41 -5.58 1.45 26.08
N MET A 42 -5.60 2.53 25.29
CA MET A 42 -4.39 3.20 24.85
C MET A 42 -3.57 3.71 26.04
N ALA A 43 -4.25 4.18 27.07
CA ALA A 43 -3.58 4.69 28.26
C ALA A 43 -2.91 3.58 29.06
N ALA A 44 -3.55 2.41 29.11
CA ALA A 44 -3.06 1.29 29.90
C ALA A 44 -2.04 0.37 29.22
N VAL A 45 -2.18 0.17 27.92
CA VAL A 45 -1.37 -0.80 27.19
C VAL A 45 0.16 -0.62 27.30
N ASN A 46 0.85 -1.76 27.42
CA ASN A 46 2.31 -1.78 27.52
C ASN A 46 2.91 -2.71 26.45
N PRO A 47 4.24 -2.61 26.22
CA PRO A 47 4.90 -3.45 25.22
C PRO A 47 4.58 -4.94 25.34
N GLY A 48 4.22 -5.55 24.21
CA GLY A 48 3.89 -6.97 24.19
C GLY A 48 2.43 -7.28 24.47
N GLU A 49 1.65 -6.26 24.83
CA GLU A 49 0.24 -6.44 25.13
C GLU A 49 -0.63 -6.10 23.93
N LEU A 50 -1.92 -6.43 24.02
CA LEU A 50 -2.83 -6.30 22.89
C LEU A 50 -4.13 -5.57 23.18
N ILE A 51 -4.43 -4.57 22.36
CA ILE A 51 -5.73 -3.90 22.40
C ILE A 51 -6.58 -4.66 21.39
N LEU A 52 -7.48 -5.49 21.90
CA LEU A 52 -8.33 -6.32 21.05
C LEU A 52 -9.67 -5.63 20.79
N LEU A 53 -9.89 -5.28 19.54
CA LEU A 53 -11.08 -4.55 19.12
C LEU A 53 -12.22 -5.46 18.66
N LYS A 54 -13.40 -5.25 19.22
CA LYS A 54 -14.59 -5.95 18.74
C LYS A 54 -14.83 -5.44 17.32
N PRO A 55 -15.08 -6.36 16.36
CA PRO A 55 -15.33 -5.92 14.98
C PRO A 55 -16.50 -4.93 14.93
N GLY A 56 -16.32 -3.85 14.17
CA GLY A 56 -17.34 -2.83 14.06
C GLY A 56 -16.75 -1.50 13.65
N THR A 57 -17.53 -0.43 13.86
CA THR A 57 -17.11 0.92 13.51
C THR A 57 -16.89 1.76 14.76
N TYR A 58 -15.72 2.39 14.83
CA TYR A 58 -15.34 3.28 15.91
C TYR A 58 -15.38 4.71 15.36
N THR A 59 -16.39 5.46 15.78
CA THR A 59 -16.63 6.80 15.24
C THR A 59 -16.04 7.93 16.09
N ILE A 60 -15.13 8.68 15.48
CA ILE A 60 -14.55 9.86 16.14
C ILE A 60 -15.34 11.07 15.66
N PRO A 61 -15.96 11.83 16.58
CA PRO A 61 -16.75 13.01 16.23
C PRO A 61 -15.99 14.06 15.45
N TYR A 62 -16.68 14.70 14.52
CA TYR A 62 -16.13 15.78 13.71
C TYR A 62 -16.65 17.13 14.20
N THR A 63 -15.76 18.12 14.21
CA THR A 63 -16.12 19.50 14.54
C THR A 63 -15.48 20.39 13.48
N GLN A 64 -16.29 21.19 12.81
CA GLN A 64 -15.82 22.04 11.72
C GLN A 64 -14.60 22.89 12.10
N GLY A 65 -13.57 22.82 11.27
CA GLY A 65 -12.37 23.61 11.48
C GLY A 65 -11.41 23.11 12.55
N LYS A 66 -11.65 21.90 13.06
CA LYS A 66 -10.80 21.34 14.10
C LYS A 66 -10.36 19.91 13.78
N GLY A 67 -9.11 19.60 14.11
CA GLY A 67 -8.60 18.25 13.89
C GLY A 67 -9.08 17.29 14.96
N ASN A 68 -9.16 16.01 14.64
CA ASN A 68 -9.60 15.00 15.61
C ASN A 68 -8.70 13.74 15.60
N THR A 69 -7.45 13.97 15.22
CA THR A 69 -6.41 12.95 15.14
C THR A 69 -6.20 12.15 16.42
N ILE A 70 -5.92 10.85 16.26
CA ILE A 70 -5.51 10.01 17.38
C ILE A 70 -4.00 9.83 17.25
N THR A 71 -3.26 10.25 18.27
CA THR A 71 -1.80 10.15 18.25
C THR A 71 -1.30 8.89 18.97
N PHE A 72 -0.44 8.15 18.29
CA PHE A 72 0.19 6.96 18.84
C PHE A 72 1.65 7.31 19.16
N ASN A 73 1.87 7.84 20.36
CA ASN A 73 3.21 8.29 20.74
C ASN A 73 3.96 7.32 21.64
N LYS A 74 3.23 6.41 22.30
CA LYS A 74 3.86 5.38 23.12
C LYS A 74 4.61 4.42 22.20
N SER A 75 5.56 3.67 22.76
CA SER A 75 6.36 2.75 21.96
C SER A 75 6.39 1.34 22.52
N GLY A 76 6.40 0.37 21.62
CA GLY A 76 6.63 -1.01 22.00
C GLY A 76 8.15 -1.23 21.98
N LYS A 77 8.57 -2.49 22.01
CA LYS A 77 9.98 -2.84 21.98
C LYS A 77 10.23 -3.96 20.98
N ASP A 78 11.50 -4.19 20.65
CA ASP A 78 11.87 -5.29 19.77
C ASP A 78 11.48 -6.60 20.45
N GLY A 79 10.64 -7.39 19.79
CA GLY A 79 10.18 -8.63 20.37
C GLY A 79 8.97 -8.45 21.27
N ALA A 80 8.53 -7.20 21.44
CA ALA A 80 7.38 -6.89 22.28
C ALA A 80 6.66 -5.66 21.75
N PRO A 81 6.03 -5.77 20.57
CA PRO A 81 5.31 -4.63 19.99
C PRO A 81 4.02 -4.37 20.76
N ILE A 82 3.45 -3.17 20.56
CA ILE A 82 2.13 -2.89 21.10
C ILE A 82 1.16 -3.26 19.98
N TYR A 83 0.34 -4.28 20.24
CA TYR A 83 -0.60 -4.78 19.24
C TYR A 83 -1.97 -4.10 19.31
N VAL A 84 -2.52 -3.78 18.14
CA VAL A 84 -3.87 -3.23 18.03
C VAL A 84 -4.52 -4.03 16.91
N ALA A 85 -5.54 -4.82 17.25
CA ALA A 85 -6.14 -5.70 16.25
C ALA A 85 -7.62 -6.01 16.45
N ALA A 86 -8.33 -6.17 15.34
CA ALA A 86 -9.72 -6.59 15.35
C ALA A 86 -9.75 -8.08 15.66
N ALA A 87 -10.64 -8.49 16.55
CA ALA A 87 -10.76 -9.88 16.98
C ALA A 87 -11.27 -10.84 15.91
N ASN A 88 -10.89 -12.10 16.03
CA ASN A 88 -11.34 -13.17 15.14
C ASN A 88 -11.19 -12.85 13.67
N CYS A 89 -10.10 -12.15 13.34
CA CYS A 89 -9.81 -11.75 11.97
C CYS A 89 -10.94 -10.98 11.29
N GLY A 90 -11.66 -10.20 12.10
CA GLY A 90 -12.71 -9.33 11.61
C GLY A 90 -12.12 -8.00 11.20
N ARG A 91 -12.98 -6.98 11.13
CA ARG A 91 -12.54 -5.63 10.72
C ARG A 91 -12.97 -4.58 11.74
N ALA A 92 -12.06 -3.67 12.07
CA ALA A 92 -12.37 -2.53 12.93
C ALA A 92 -12.11 -1.27 12.13
N VAL A 93 -13.19 -0.52 11.86
CA VAL A 93 -13.11 0.69 11.04
C VAL A 93 -13.17 1.95 11.89
N PHE A 94 -12.11 2.76 11.82
CA PHE A 94 -12.07 4.04 12.52
C PHE A 94 -12.50 5.15 11.57
N ASP A 95 -13.67 5.70 11.82
CA ASP A 95 -14.29 6.73 10.98
C ASP A 95 -14.13 8.09 11.63
N PHE A 96 -13.32 8.95 11.00
CA PHE A 96 -13.04 10.28 11.53
C PHE A 96 -14.06 11.35 11.13
N SER A 97 -15.11 10.92 10.45
CA SER A 97 -16.32 11.73 10.21
C SER A 97 -16.26 13.04 9.41
N PHE A 98 -15.18 13.29 8.70
CA PHE A 98 -15.09 14.54 7.93
C PHE A 98 -16.01 14.56 6.71
N PRO A 99 -16.76 15.66 6.53
CA PRO A 99 -17.65 15.77 5.38
C PRO A 99 -16.76 15.77 4.13
N ASP A 100 -17.33 15.44 2.98
CA ASP A 100 -16.57 15.33 1.75
C ASP A 100 -15.80 16.60 1.34
N SER A 101 -16.39 17.76 1.60
CA SER A 101 -15.78 19.03 1.20
C SER A 101 -14.80 19.61 2.22
N GLN A 102 -14.79 19.05 3.43
CA GLN A 102 -13.97 19.59 4.51
C GLN A 102 -12.64 18.87 4.69
N TRP A 103 -11.65 19.61 5.17
CA TRP A 103 -10.33 19.07 5.49
C TRP A 103 -9.61 20.02 6.43
N VAL A 104 -8.69 19.49 7.22
CA VAL A 104 -7.91 20.26 8.18
C VAL A 104 -6.43 19.89 8.06
N GLN A 105 -5.58 20.90 7.86
CA GLN A 105 -4.15 20.70 7.75
C GLN A 105 -3.62 19.91 8.94
N ALA A 106 -2.91 18.82 8.65
CA ALA A 106 -2.32 17.94 9.65
C ALA A 106 -3.30 17.15 10.50
N SER A 107 -4.58 17.15 10.13
CA SER A 107 -5.57 16.34 10.84
C SER A 107 -5.55 14.91 10.30
N TYR A 108 -4.48 14.19 10.62
CA TYR A 108 -4.33 12.80 10.22
C TYR A 108 -5.36 11.97 10.98
N GLY A 109 -5.60 10.75 10.52
CA GLY A 109 -6.43 9.82 11.27
C GLY A 109 -5.56 9.27 12.39
N PHE A 110 -4.60 8.43 12.02
CA PHE A 110 -3.62 7.87 12.95
C PHE A 110 -2.29 8.61 12.76
N TYR A 111 -1.80 9.28 13.80
CA TYR A 111 -0.50 9.93 13.76
C TYR A 111 0.44 9.08 14.59
N VAL A 112 1.28 8.29 13.90
CA VAL A 112 2.16 7.35 14.57
C VAL A 112 3.57 7.91 14.74
N THR A 113 3.86 8.40 15.94
CA THR A 113 5.18 8.98 16.23
C THR A 113 6.05 8.01 17.02
N GLY A 114 5.41 7.04 17.65
CA GLY A 114 6.13 6.03 18.43
C GLY A 114 6.64 4.89 17.57
N ASP A 115 7.34 3.96 18.21
CA ASP A 115 7.94 2.81 17.53
C ASP A 115 7.28 1.50 17.94
N TYR A 116 7.51 0.47 17.12
CA TYR A 116 7.07 -0.90 17.40
C TYR A 116 5.58 -1.11 17.65
N TRP A 117 4.75 -0.46 16.85
CA TRP A 117 3.31 -0.71 16.88
C TRP A 117 3.03 -1.82 15.88
N TYR A 118 2.01 -2.62 16.15
CA TYR A 118 1.62 -3.68 15.22
C TYR A 118 0.10 -3.68 15.05
N PHE A 119 -0.36 -3.12 13.94
CA PHE A 119 -1.79 -3.03 13.62
C PHE A 119 -2.22 -4.18 12.72
N LYS A 120 -3.39 -4.75 13.00
CA LYS A 120 -3.92 -5.83 12.16
C LYS A 120 -5.44 -5.79 12.07
N GLY A 121 -5.96 -5.76 10.85
CA GLY A 121 -7.40 -5.77 10.64
C GLY A 121 -8.11 -4.47 10.96
N VAL A 122 -7.36 -3.36 10.88
CA VAL A 122 -7.88 -2.03 11.19
C VAL A 122 -7.94 -1.14 9.95
N GLU A 123 -8.96 -0.29 9.88
CA GLU A 123 -9.12 0.64 8.76
C GLU A 123 -9.27 2.08 9.25
N VAL A 124 -8.83 3.03 8.43
CA VAL A 124 -9.00 4.45 8.71
C VAL A 124 -9.73 5.08 7.53
N THR A 125 -10.81 5.79 7.81
CA THR A 125 -11.59 6.44 6.78
C THR A 125 -12.08 7.82 7.23
N ARG A 126 -12.28 8.71 6.25
CA ARG A 126 -12.78 10.07 6.46
C ARG A 126 -11.95 10.94 7.40
N ALA A 127 -10.64 10.72 7.40
CA ALA A 127 -9.71 11.56 8.15
C ALA A 127 -9.64 12.93 7.49
N GLY A 128 -9.35 13.97 8.28
CA GLY A 128 -9.28 15.33 7.77
C GLY A 128 -8.08 15.64 6.90
N TYR A 129 -7.16 14.68 6.81
CA TYR A 129 -5.96 14.79 5.98
C TYR A 129 -5.50 13.34 5.76
N GLN A 130 -4.21 13.04 5.85
CA GLN A 130 -3.75 11.66 5.63
C GLN A 130 -4.43 10.66 6.57
N GLY A 131 -4.75 9.48 6.04
CA GLY A 131 -5.37 8.45 6.86
C GLY A 131 -4.45 8.09 8.02
N ALA A 132 -3.22 7.74 7.67
CA ALA A 132 -2.19 7.45 8.66
C ALA A 132 -0.92 8.18 8.23
N TYR A 133 -0.28 8.84 9.19
CA TYR A 133 0.96 9.57 8.94
C TYR A 133 1.99 9.03 9.92
N VAL A 134 3.01 8.38 9.38
CA VAL A 134 3.99 7.66 10.20
C VAL A 134 5.37 8.28 10.21
N ILE A 135 5.81 8.76 11.37
CA ILE A 135 7.17 9.29 11.50
C ILE A 135 7.99 8.43 12.46
N GLY A 136 7.32 7.48 13.12
CA GLY A 136 7.99 6.53 13.99
C GLY A 136 8.62 5.40 13.20
N SER A 137 9.25 4.46 13.90
CA SER A 137 9.99 3.38 13.24
C SER A 137 9.61 1.98 13.74
N HIS A 138 9.93 0.98 12.92
CA HIS A 138 9.68 -0.42 13.24
C HIS A 138 8.21 -0.76 13.50
N ASN A 139 7.34 -0.02 12.82
CA ASN A 139 5.90 -0.24 12.92
C ASN A 139 5.43 -1.16 11.81
N THR A 140 4.37 -1.92 12.08
CA THR A 140 3.83 -2.83 11.09
C THR A 140 2.33 -2.64 10.93
N PHE A 141 1.88 -2.62 9.68
CA PHE A 141 0.47 -2.47 9.34
C PHE A 141 0.10 -3.67 8.47
N GLU A 142 -0.58 -4.64 9.08
CA GLU A 142 -0.94 -5.87 8.38
C GLU A 142 -2.44 -6.00 8.19
N ASN A 143 -2.85 -6.30 6.96
CA ASN A 143 -4.27 -6.46 6.63
C ASN A 143 -5.07 -5.25 7.11
N THR A 144 -4.55 -4.07 6.78
CA THR A 144 -5.19 -2.80 7.13
C THR A 144 -5.68 -2.11 5.86
N ALA A 145 -6.43 -1.01 6.03
CA ALA A 145 -6.93 -0.25 4.90
C ALA A 145 -7.07 1.23 5.23
N PHE A 146 -6.83 2.07 4.21
CA PHE A 146 -6.89 3.52 4.36
C PHE A 146 -7.62 4.06 3.15
N HIS A 147 -8.86 4.49 3.35
CA HIS A 147 -9.71 4.90 2.24
C HIS A 147 -10.63 6.08 2.53
N HIS A 148 -11.00 6.79 1.47
CA HIS A 148 -11.90 7.95 1.57
C HIS A 148 -11.40 9.00 2.56
N ASN A 149 -10.10 9.25 2.57
CA ASN A 149 -9.50 10.29 3.42
C ASN A 149 -9.25 11.55 2.58
N ARG A 150 -9.05 12.68 3.26
CA ARG A 150 -8.84 13.96 2.56
C ARG A 150 -7.40 14.22 2.13
N ASN A 151 -6.58 13.19 2.20
CA ASN A 151 -5.20 13.23 1.71
C ASN A 151 -4.73 11.79 1.62
N THR A 152 -3.43 11.60 1.34
CA THR A 152 -2.83 10.28 1.16
C THR A 152 -3.25 9.25 2.22
N GLY A 153 -3.58 8.05 1.76
CA GLY A 153 -4.03 6.99 2.66
C GLY A 153 -3.10 6.70 3.82
N LEU A 154 -1.88 6.26 3.50
CA LEU A 154 -0.85 6.06 4.51
C LEU A 154 0.45 6.65 3.98
N GLU A 155 1.03 7.56 4.76
CA GLU A 155 2.28 8.22 4.39
C GLU A 155 3.36 7.95 5.43
N ILE A 156 4.60 7.77 4.96
CA ILE A 156 5.74 7.61 5.85
C ILE A 156 6.67 8.78 5.50
N ASN A 157 7.07 9.54 6.51
CA ASN A 157 7.84 10.76 6.27
C ASN A 157 8.61 11.15 7.53
N ASN A 158 9.36 12.24 7.44
CA ASN A 158 10.07 12.84 8.57
C ASN A 158 10.83 11.87 9.46
N GLY A 159 11.64 11.02 8.85
CA GLY A 159 12.48 10.09 9.60
C GLY A 159 11.93 8.69 9.85
N GLY A 160 10.66 8.47 9.53
CA GLY A 160 10.07 7.16 9.73
C GLY A 160 10.84 6.07 9.00
N SER A 161 11.30 5.06 9.74
CA SER A 161 12.14 4.02 9.14
C SER A 161 11.76 2.59 9.54
N TYR A 162 12.17 1.65 8.71
CA TYR A 162 11.96 0.21 8.95
C TYR A 162 10.51 -0.14 9.26
N ASN A 163 9.60 0.51 8.55
CA ASN A 163 8.17 0.24 8.68
C ASN A 163 7.77 -0.76 7.59
N THR A 164 6.87 -1.68 7.94
CA THR A 164 6.44 -2.71 7.01
C THR A 164 4.92 -2.68 6.84
N VAL A 165 4.48 -2.58 5.59
CA VAL A 165 3.06 -2.55 5.26
C VAL A 165 2.75 -3.83 4.48
N ILE A 166 1.98 -4.70 5.10
CA ILE A 166 1.69 -6.04 4.57
C ILE A 166 0.21 -6.23 4.26
N ASN A 167 -0.08 -6.74 3.06
CA ASN A 167 -1.44 -7.06 2.66
C ASN A 167 -2.46 -5.99 2.99
N SER A 168 -2.12 -4.74 2.66
CA SER A 168 -2.97 -3.61 2.99
C SER A 168 -3.45 -2.84 1.77
N ASP A 169 -4.60 -2.18 1.91
CA ASP A 169 -5.25 -1.47 0.82
C ASP A 169 -5.36 0.03 1.07
N ALA A 170 -5.25 0.81 -0.01
CA ALA A 170 -5.41 2.26 0.07
C ALA A 170 -6.15 2.71 -1.19
N TYR A 171 -7.35 3.25 -0.99
CA TYR A 171 -8.19 3.61 -2.13
C TYR A 171 -9.11 4.79 -1.88
N ARG A 172 -9.51 5.44 -2.98
CA ARG A 172 -10.44 6.56 -2.95
C ARG A 172 -10.02 7.72 -2.05
N ASN A 173 -8.72 7.96 -1.96
CA ASN A 173 -8.22 9.11 -1.21
C ASN A 173 -8.13 10.29 -2.19
N TYR A 174 -8.62 11.44 -1.75
CA TYR A 174 -8.68 12.64 -2.59
C TYR A 174 -8.55 13.90 -1.72
N ASP A 175 -7.72 14.84 -2.17
CA ASP A 175 -7.53 16.07 -1.42
C ASP A 175 -8.25 17.28 -2.02
N PRO A 176 -9.22 17.86 -1.28
CA PRO A 176 -9.92 19.03 -1.83
C PRO A 176 -8.93 20.21 -1.92
N LYS A 177 -7.90 20.18 -1.07
CA LYS A 177 -6.92 21.27 -0.99
C LYS A 177 -6.28 21.63 -2.33
N LYS A 178 -5.79 20.62 -3.05
CA LYS A 178 -5.14 20.85 -4.34
C LYS A 178 -5.86 20.13 -5.47
N ASN A 179 -7.19 20.02 -5.34
CA ASN A 179 -8.05 19.40 -6.34
C ASN A 179 -7.61 18.01 -6.80
N GLY A 180 -7.15 17.20 -5.84
CA GLY A 180 -6.78 15.83 -6.14
C GLY A 180 -5.34 15.59 -6.55
N SER A 181 -4.55 16.65 -6.65
CA SER A 181 -3.17 16.53 -7.09
C SER A 181 -2.17 16.15 -5.99
N MET A 182 -2.68 15.74 -4.83
CA MET A 182 -1.81 15.38 -3.72
C MET A 182 -2.06 13.99 -3.12
N ALA A 183 -3.33 13.61 -3.02
CA ALA A 183 -3.71 12.36 -2.36
C ALA A 183 -3.35 11.07 -3.09
N ASP A 184 -2.47 10.30 -2.47
CA ASP A 184 -2.02 9.01 -3.00
C ASP A 184 -2.60 7.87 -2.17
N GLY A 185 -2.33 6.64 -2.59
CA GLY A 185 -2.71 5.50 -1.80
C GLY A 185 -1.69 5.34 -0.69
N PHE A 186 -0.46 5.04 -1.07
CA PHE A 186 0.66 4.90 -0.14
C PHE A 186 1.76 5.89 -0.48
N GLY A 187 2.28 6.56 0.53
CA GLY A 187 3.27 7.59 0.30
C GLY A 187 4.59 7.53 1.06
N PRO A 188 5.46 6.55 0.77
CA PRO A 188 6.76 6.46 1.46
C PRO A 188 7.67 7.44 0.71
N LYS A 189 7.69 8.69 1.15
CA LYS A 189 8.31 9.76 0.38
C LYS A 189 9.09 10.79 1.18
N GLN A 190 9.67 11.73 0.43
CA GLN A 190 10.37 12.90 0.96
C GLN A 190 11.42 12.62 2.04
N LYS A 191 11.11 12.96 3.28
CA LYS A 191 12.07 12.81 4.37
C LYS A 191 11.99 11.51 5.15
N GLN A 192 11.33 10.49 4.57
CA GLN A 192 11.24 9.18 5.21
C GLN A 192 12.64 8.62 5.48
N GLY A 193 12.74 7.70 6.43
CA GLY A 193 14.00 7.06 6.70
C GLY A 193 14.19 5.81 5.85
N PRO A 194 15.25 5.02 6.11
CA PRO A 194 15.52 3.80 5.35
C PRO A 194 14.66 2.60 5.78
N GLY A 195 14.66 1.56 4.95
CA GLY A 195 14.04 0.30 5.31
C GLY A 195 12.54 0.11 5.21
N ASN A 196 11.82 1.08 4.64
CA ASN A 196 10.37 0.95 4.50
C ASN A 196 10.01 -0.01 3.35
N ARG A 197 9.06 -0.91 3.63
CA ARG A 197 8.70 -1.97 2.68
C ARG A 197 7.20 -2.18 2.56
N PHE A 198 6.76 -2.56 1.36
CA PHE A 198 5.36 -2.85 1.07
C PHE A 198 5.26 -4.21 0.38
N VAL A 199 4.42 -5.09 0.91
CA VAL A 199 4.24 -6.43 0.34
C VAL A 199 2.77 -6.83 0.29
N GLY A 200 2.33 -7.30 -0.88
CA GLY A 200 0.95 -7.74 -1.05
C GLY A 200 -0.09 -6.65 -0.92
N CYS A 201 0.31 -5.40 -1.20
CA CYS A 201 -0.59 -4.26 -1.06
C CYS A 201 -1.31 -3.89 -2.36
N ARG A 202 -2.44 -3.20 -2.23
CA ARG A 202 -3.19 -2.71 -3.40
C ARG A 202 -3.53 -1.24 -3.20
N ALA A 203 -3.34 -0.43 -4.24
CA ALA A 203 -3.68 0.99 -4.20
C ALA A 203 -4.45 1.31 -5.47
N TRP A 204 -5.70 1.73 -5.32
CA TRP A 204 -6.53 2.01 -6.48
C TRP A 204 -7.48 3.19 -6.30
N GLU A 205 -7.81 3.82 -7.43
CA GLU A 205 -8.77 4.90 -7.46
C GLU A 205 -8.48 6.04 -6.48
N ASN A 206 -7.20 6.35 -6.33
CA ASN A 206 -6.78 7.51 -5.55
C ASN A 206 -6.69 8.65 -6.56
N SER A 207 -6.90 9.88 -6.10
CA SER A 207 -6.92 11.00 -7.03
C SER A 207 -5.59 11.24 -7.74
N ASP A 208 -4.48 11.07 -7.02
CA ASP A 208 -3.17 11.33 -7.59
C ASP A 208 -2.48 10.04 -8.05
N ASP A 209 -1.67 9.43 -7.19
CA ASP A 209 -0.95 8.21 -7.55
C ASP A 209 -1.28 7.04 -6.62
N GLY A 210 -0.98 5.82 -7.08
CA GLY A 210 -1.18 4.65 -6.25
C GLY A 210 -0.14 4.62 -5.14
N PHE A 211 1.13 4.58 -5.53
CA PHE A 211 2.27 4.65 -4.62
C PHE A 211 3.10 5.84 -5.08
N ASP A 212 3.61 6.63 -4.14
CA ASP A 212 4.42 7.80 -4.48
C ASP A 212 5.66 7.90 -3.58
N LEU A 213 6.82 7.85 -4.22
CA LEU A 213 8.12 7.87 -3.53
C LEU A 213 8.89 9.18 -3.80
N PHE A 214 8.14 10.25 -4.07
CA PHE A 214 8.69 11.56 -4.43
C PHE A 214 9.81 12.11 -3.55
N ASP A 215 10.91 12.48 -4.18
CA ASP A 215 12.00 13.20 -3.54
C ASP A 215 12.68 12.52 -2.36
N SER A 216 12.81 11.19 -2.42
CA SER A 216 13.50 10.45 -1.36
C SER A 216 14.69 9.65 -1.85
N PRO A 217 15.86 9.83 -1.21
CA PRO A 217 17.06 9.09 -1.60
C PRO A 217 17.13 7.73 -0.90
N GLN A 218 16.14 7.44 -0.06
CA GLN A 218 16.09 6.19 0.69
C GLN A 218 15.39 5.09 -0.10
N LYS A 219 16.05 3.94 -0.22
CA LYS A 219 15.51 2.80 -0.97
C LYS A 219 14.23 2.24 -0.36
N VAL A 220 13.22 2.08 -1.22
CA VAL A 220 11.94 1.46 -0.84
C VAL A 220 11.80 0.18 -1.63
N VAL A 221 11.28 -0.86 -0.98
CA VAL A 221 11.04 -2.15 -1.63
C VAL A 221 9.54 -2.42 -1.72
N ILE A 222 9.07 -2.72 -2.93
CA ILE A 222 7.65 -3.02 -3.17
C ILE A 222 7.57 -4.39 -3.84
N GLU A 223 6.83 -5.30 -3.21
CA GLU A 223 6.72 -6.68 -3.70
C GLU A 223 5.27 -7.15 -3.75
N ASN A 224 4.95 -7.93 -4.78
CA ASN A 224 3.62 -8.54 -4.92
C ASN A 224 2.46 -7.58 -4.68
N SER A 225 2.57 -6.37 -5.24
CA SER A 225 1.56 -5.34 -5.03
C SER A 225 0.87 -4.87 -6.32
N TRP A 226 -0.25 -4.15 -6.14
CA TRP A 226 -1.07 -3.68 -7.26
C TRP A 226 -1.31 -2.18 -7.19
N ALA A 227 -1.29 -1.52 -8.34
CA ALA A 227 -1.63 -0.10 -8.42
C ALA A 227 -2.46 0.09 -9.69
N PHE A 228 -3.73 0.46 -9.52
CA PHE A 228 -4.62 0.55 -10.67
C PHE A 228 -5.70 1.61 -10.60
N ARG A 229 -6.12 2.09 -11.78
CA ARG A 229 -7.16 3.09 -11.93
C ARG A 229 -6.97 4.35 -11.07
N ASN A 230 -5.73 4.77 -10.89
CA ASN A 230 -5.47 6.02 -10.18
C ASN A 230 -5.57 7.19 -11.15
N GLY A 231 -5.99 8.35 -10.62
CA GLY A 231 -6.13 9.54 -11.44
C GLY A 231 -7.47 9.74 -12.12
N ILE A 232 -8.45 8.89 -11.78
CA ILE A 232 -9.79 9.01 -12.34
C ILE A 232 -10.65 9.90 -11.45
N ASN A 233 -11.40 10.82 -12.05
CA ASN A 233 -12.22 11.77 -11.32
C ASN A 233 -13.57 11.20 -10.90
N TYR A 234 -13.64 10.68 -9.67
CA TYR A 234 -14.88 10.13 -9.12
C TYR A 234 -15.56 11.15 -8.19
N TRP A 235 -15.02 12.38 -8.16
CA TRP A 235 -15.49 13.38 -7.21
C TRP A 235 -16.23 14.59 -7.80
N ASN A 236 -16.58 14.52 -9.08
CA ASN A 236 -17.30 15.60 -9.77
C ASN A 236 -16.57 16.93 -9.62
N ASP A 237 -15.24 16.87 -9.60
CA ASP A 237 -14.42 18.07 -9.46
C ASP A 237 -14.15 18.66 -10.84
N SER A 238 -14.72 19.82 -11.10
CA SER A 238 -14.55 20.51 -12.39
C SER A 238 -13.12 20.99 -12.59
N ALA A 239 -12.33 21.03 -11.52
CA ALA A 239 -10.95 21.49 -11.58
C ALA A 239 -9.96 20.38 -11.18
N PHE A 240 -10.36 19.13 -11.40
CA PHE A 240 -9.55 17.97 -11.05
C PHE A 240 -8.12 18.06 -11.61
N ALA A 241 -7.13 17.74 -10.78
CA ALA A 241 -5.73 17.85 -11.18
C ALA A 241 -4.87 16.64 -10.79
N GLY A 242 -5.51 15.51 -10.53
CA GLY A 242 -4.76 14.30 -10.19
C GLY A 242 -3.91 13.80 -11.34
N ASN A 243 -2.69 13.34 -11.03
CA ASN A 243 -1.74 12.88 -12.04
C ASN A 243 -2.02 11.50 -12.62
N GLY A 244 -2.42 10.56 -11.77
CA GLY A 244 -2.82 9.24 -12.24
C GLY A 244 -1.76 8.21 -12.58
N ASN A 245 -0.70 8.13 -11.78
CA ASN A 245 0.30 7.10 -12.00
C ASN A 245 0.06 5.93 -11.04
N GLY A 246 0.44 4.73 -11.46
CA GLY A 246 0.31 3.57 -10.60
C GLY A 246 1.40 3.59 -9.54
N PHE A 247 2.62 3.21 -9.95
CA PHE A 247 3.76 3.27 -9.06
C PHE A 247 4.65 4.44 -9.48
N LYS A 248 4.55 5.56 -8.74
CA LYS A 248 5.42 6.72 -8.98
C LYS A 248 6.70 6.48 -8.18
N LEU A 249 7.72 6.00 -8.89
CA LEU A 249 8.94 5.51 -8.26
C LEU A 249 10.09 6.51 -8.11
N GLY A 250 9.75 7.76 -7.79
CA GLY A 250 10.77 8.76 -7.58
C GLY A 250 10.27 10.18 -7.74
N GLY A 251 11.18 11.13 -7.74
CA GLY A 251 10.81 12.53 -7.95
C GLY A 251 11.88 13.53 -7.58
N ASN A 252 11.81 14.70 -8.21
CA ASN A 252 12.67 15.85 -7.91
C ASN A 252 14.17 15.58 -8.04
N GLN A 253 14.53 14.65 -8.92
CA GLN A 253 15.91 14.29 -9.18
C GLN A 253 16.66 13.72 -7.98
N ALA A 254 15.92 13.19 -7.02
CA ALA A 254 16.52 12.48 -5.89
C ALA A 254 17.01 11.13 -6.42
N VAL A 255 18.13 10.66 -5.89
CA VAL A 255 18.69 9.37 -6.31
C VAL A 255 18.11 8.26 -5.42
N GLY A 256 17.09 7.58 -5.92
CA GLY A 256 16.44 6.53 -5.16
C GLY A 256 16.51 5.18 -5.84
N ASN A 257 17.39 4.31 -5.34
CA ASN A 257 17.58 3.00 -5.94
C ASN A 257 16.56 2.00 -5.43
N HIS A 258 15.31 2.21 -5.82
CA HIS A 258 14.19 1.38 -5.37
C HIS A 258 14.13 0.03 -6.08
N ARG A 259 13.38 -0.90 -5.48
CA ARG A 259 13.22 -2.23 -6.06
C ARG A 259 11.75 -2.61 -6.05
N ILE A 260 11.23 -2.96 -7.23
CA ILE A 260 9.85 -3.40 -7.35
C ILE A 260 9.77 -4.72 -8.13
N THR A 261 9.15 -5.72 -7.52
CA THR A 261 9.05 -7.06 -8.12
C THR A 261 7.65 -7.67 -7.99
N ARG A 262 7.33 -8.54 -8.93
CA ARG A 262 6.05 -9.27 -8.98
C ARG A 262 4.84 -8.40 -8.68
N SER A 263 4.84 -7.21 -9.25
CA SER A 263 3.77 -6.25 -9.05
C SER A 263 3.00 -5.96 -10.34
N VAL A 264 1.80 -5.40 -10.18
CA VAL A 264 0.87 -5.19 -11.29
C VAL A 264 0.36 -3.75 -11.34
N ALA A 265 0.34 -3.16 -12.53
CA ALA A 265 -0.23 -1.84 -12.74
C ALA A 265 -1.12 -1.87 -13.98
N PHE A 266 -2.35 -1.40 -13.83
CA PHE A 266 -3.27 -1.34 -14.97
C PHE A 266 -4.28 -0.22 -14.84
N GLY A 267 -4.76 0.26 -15.99
CA GLY A 267 -5.83 1.25 -16.00
C GLY A 267 -5.56 2.60 -15.39
N ASN A 268 -4.29 2.91 -15.11
CA ASN A 268 -3.93 4.23 -14.58
C ASN A 268 -3.95 5.22 -15.74
N VAL A 269 -4.43 6.44 -15.48
CA VAL A 269 -4.54 7.46 -16.52
C VAL A 269 -3.19 7.79 -17.16
N SER A 270 -2.16 7.90 -16.32
CA SER A 270 -0.82 8.20 -16.80
C SER A 270 0.04 6.93 -16.88
N LYS A 271 1.14 6.87 -16.12
CA LYS A 271 2.05 5.73 -16.19
C LYS A 271 1.80 4.64 -15.17
N GLY A 272 1.87 3.39 -15.61
CA GLY A 272 1.73 2.27 -14.70
C GLY A 272 2.92 2.21 -13.77
N PHE A 273 4.12 2.19 -14.36
CA PHE A 273 5.38 2.25 -13.63
C PHE A 273 6.05 3.52 -14.12
N ASP A 274 6.36 4.42 -13.17
CA ASP A 274 6.81 5.77 -13.49
C ASP A 274 8.14 6.14 -12.85
N GLN A 275 9.10 6.54 -13.68
CA GLN A 275 10.40 7.01 -13.20
C GLN A 275 10.25 8.32 -12.43
N ASN A 276 9.35 9.18 -12.92
CA ASN A 276 9.10 10.51 -12.36
C ASN A 276 10.36 11.29 -12.02
N ASN A 277 11.29 11.35 -12.97
CA ASN A 277 12.53 12.10 -12.81
C ASN A 277 13.43 11.66 -11.65
N ASN A 278 13.35 10.38 -11.29
CA ASN A 278 14.28 9.79 -10.34
C ASN A 278 15.64 9.87 -11.03
N ALA A 279 16.64 10.40 -10.33
CA ALA A 279 17.99 10.48 -10.91
C ALA A 279 18.79 9.20 -10.70
N GLY A 280 18.19 8.25 -9.98
CA GLY A 280 18.86 6.98 -9.72
C GLY A 280 18.28 5.79 -10.48
N GLY A 281 19.06 4.72 -10.55
CA GLY A 281 18.63 3.51 -11.22
C GLY A 281 17.66 2.70 -10.38
N VAL A 282 16.53 2.34 -10.98
CA VAL A 282 15.50 1.56 -10.30
C VAL A 282 15.53 0.12 -10.80
N THR A 283 15.32 -0.83 -9.88
CA THR A 283 15.30 -2.25 -10.22
C THR A 283 13.85 -2.70 -10.40
N VAL A 284 13.54 -3.19 -11.60
CA VAL A 284 12.19 -3.58 -11.99
C VAL A 284 12.22 -4.99 -12.57
N ILE A 285 11.81 -5.97 -11.77
CA ILE A 285 11.89 -7.38 -12.17
C ILE A 285 10.57 -8.13 -12.01
N ASN A 286 10.18 -8.87 -13.06
CA ASN A 286 8.97 -9.70 -13.04
C ASN A 286 7.69 -8.94 -12.70
N ASN A 287 7.39 -7.91 -13.47
CA ASN A 287 6.17 -7.13 -13.27
C ASN A 287 5.27 -7.23 -14.50
N THR A 288 4.00 -6.87 -14.33
CA THR A 288 3.03 -6.86 -15.42
C THR A 288 2.32 -5.52 -15.45
N SER A 289 2.28 -4.90 -16.62
CA SER A 289 1.63 -3.60 -16.78
C SER A 289 0.69 -3.66 -17.98
N TYR A 290 -0.57 -3.27 -17.77
CA TYR A 290 -1.63 -3.41 -18.77
C TYR A 290 -2.53 -2.19 -18.93
N LYS A 291 -2.72 -1.78 -20.18
CA LYS A 291 -3.66 -0.73 -20.55
C LYS A 291 -3.65 0.52 -19.65
N ASN A 292 -2.45 1.05 -19.43
CA ASN A 292 -2.29 2.34 -18.73
C ASN A 292 -2.12 3.38 -19.84
N GLY A 293 -2.04 4.66 -19.46
CA GLY A 293 -1.73 5.69 -20.44
C GLY A 293 -0.38 5.36 -21.07
N ILE A 294 0.56 4.95 -20.23
CA ILE A 294 1.89 4.49 -20.61
C ILE A 294 2.20 3.35 -19.63
N ASN A 295 2.61 2.20 -20.14
CA ASN A 295 2.86 1.05 -19.25
C ASN A 295 4.12 1.19 -18.39
N TYR A 296 5.24 1.54 -19.01
CA TYR A 296 6.48 1.81 -18.28
C TYR A 296 7.06 3.10 -18.85
N GLY A 297 7.20 4.11 -17.99
CA GLY A 297 7.72 5.39 -18.44
C GLY A 297 9.01 5.76 -17.73
N PHE A 298 10.13 5.39 -18.34
CA PHE A 298 11.46 5.67 -17.81
C PHE A 298 12.28 6.35 -18.92
N GLY A 299 11.77 7.48 -19.39
CA GLY A 299 12.42 8.20 -20.48
C GLY A 299 13.02 9.54 -20.12
N SER A 300 13.37 9.70 -18.84
CA SER A 300 14.01 10.93 -18.38
C SER A 300 15.46 10.67 -17.97
N ASN A 301 16.26 11.72 -17.91
CA ASN A 301 17.67 11.60 -17.55
C ASN A 301 17.91 11.03 -16.15
N VAL A 302 19.06 10.39 -15.98
CA VAL A 302 19.52 9.92 -14.68
C VAL A 302 20.92 10.49 -14.48
N GLN A 303 21.41 10.45 -13.26
CA GLN A 303 22.76 10.94 -12.96
C GLN A 303 23.79 9.97 -13.51
N SER A 304 24.92 10.49 -13.97
CA SER A 304 25.99 9.63 -14.49
C SER A 304 26.38 8.63 -13.41
N GLY A 305 26.49 7.36 -13.81
CA GLY A 305 26.81 6.32 -12.86
C GLY A 305 25.58 5.50 -12.47
N GLN A 306 24.41 6.00 -12.84
CA GLN A 306 23.15 5.32 -12.52
C GLN A 306 22.59 4.63 -13.76
N LYS A 307 21.94 3.49 -13.54
CA LYS A 307 21.36 2.71 -14.62
C LYS A 307 20.26 1.83 -14.06
N HIS A 308 19.08 1.87 -14.69
CA HIS A 308 17.97 1.03 -14.28
C HIS A 308 18.28 -0.42 -14.62
N TYR A 309 17.62 -1.35 -13.94
CA TYR A 309 17.80 -2.77 -14.20
C TYR A 309 16.43 -3.43 -14.40
N PHE A 310 16.15 -3.81 -15.64
CA PHE A 310 14.87 -4.40 -16.02
C PHE A 310 15.00 -5.84 -16.53
N ARG A 311 14.28 -6.76 -15.90
CA ARG A 311 14.27 -8.17 -16.32
C ARG A 311 12.88 -8.79 -16.16
N ASN A 312 12.51 -9.66 -17.11
CA ASN A 312 11.29 -10.47 -17.03
C ASN A 312 9.96 -9.71 -16.89
N ASN A 313 9.89 -8.51 -17.44
CA ASN A 313 8.67 -7.72 -17.34
C ASN A 313 7.75 -7.88 -18.54
N VAL A 314 6.46 -7.62 -18.31
CA VAL A 314 5.44 -7.71 -19.35
C VAL A 314 4.72 -6.38 -19.53
N SER A 315 4.54 -5.99 -20.80
CA SER A 315 3.76 -4.82 -21.15
C SER A 315 2.71 -5.27 -22.17
N LEU A 316 1.46 -4.86 -21.95
CA LEU A 316 0.37 -5.21 -22.86
C LEU A 316 -0.61 -4.06 -23.04
N SER A 317 -0.94 -3.78 -24.31
CA SER A 317 -1.94 -2.78 -24.68
C SER A 317 -1.65 -1.32 -24.31
N ALA A 318 -0.37 -0.96 -24.27
CA ALA A 318 0.10 0.42 -24.08
C ALA A 318 1.60 0.44 -24.33
N SER A 319 2.18 1.63 -24.46
CA SER A 319 3.59 1.73 -24.83
C SER A 319 4.59 1.65 -23.70
N VAL A 320 5.84 1.41 -24.07
CA VAL A 320 6.96 1.29 -23.14
C VAL A 320 8.14 2.13 -23.60
N THR A 321 8.71 2.90 -22.68
CA THR A 321 9.92 3.65 -22.95
C THR A 321 10.84 3.46 -21.76
N VAL A 322 11.88 2.65 -21.94
CA VAL A 322 12.83 2.37 -20.88
C VAL A 322 14.25 2.69 -21.35
N SER A 323 14.68 3.91 -21.05
CA SER A 323 16.00 4.40 -21.40
C SER A 323 16.93 4.39 -20.19
N ASN A 324 18.23 4.60 -20.42
CA ASN A 324 19.24 4.59 -19.36
C ASN A 324 19.13 3.32 -18.53
N ALA A 325 19.03 2.17 -19.21
CA ALA A 325 18.79 0.92 -18.49
C ALA A 325 19.51 -0.30 -19.03
N ASP A 326 19.76 -1.24 -18.11
CA ASP A 326 20.27 -2.56 -18.44
C ASP A 326 18.97 -3.37 -18.54
N ALA A 327 18.49 -3.57 -19.76
CA ALA A 327 17.21 -4.22 -19.97
C ALA A 327 17.25 -5.36 -20.98
N LYS A 328 16.77 -6.53 -20.56
CA LYS A 328 16.62 -7.67 -21.43
C LYS A 328 15.64 -8.67 -20.83
N SER A 329 15.18 -9.62 -21.64
CA SER A 329 14.20 -10.62 -21.21
C SER A 329 12.86 -10.00 -20.81
N ASN A 330 12.52 -8.88 -21.43
CA ASN A 330 11.22 -8.23 -21.24
C ASN A 330 10.40 -8.46 -22.51
N SER A 331 9.08 -8.33 -22.41
CA SER A 331 8.21 -8.59 -23.56
C SER A 331 8.46 -7.60 -24.71
N TRP A 332 9.09 -6.47 -24.41
CA TRP A 332 9.38 -5.44 -25.39
C TRP A 332 10.82 -5.45 -25.92
N ASP A 333 11.61 -6.43 -25.52
CA ASP A 333 12.95 -6.58 -26.09
C ASP A 333 13.29 -8.02 -26.48
N THR A 334 14.11 -8.71 -25.69
CA THR A 334 14.54 -10.06 -26.03
C THR A 334 13.67 -11.19 -25.47
N GLY A 335 12.71 -10.85 -24.61
CA GLY A 335 11.79 -11.84 -24.11
C GLY A 335 10.70 -12.10 -25.13
N PRO A 336 9.85 -13.13 -24.93
CA PRO A 336 8.78 -13.42 -25.87
C PRO A 336 7.69 -12.33 -25.86
N ALA A 337 7.03 -12.14 -27.00
CA ALA A 337 5.97 -11.14 -27.13
C ALA A 337 4.73 -11.49 -26.31
N ALA A 338 4.10 -10.46 -25.75
CA ALA A 338 2.87 -10.64 -24.97
C ALA A 338 1.64 -10.19 -25.74
N SER A 339 0.59 -10.99 -25.69
CA SER A 339 -0.70 -10.67 -26.32
C SER A 339 -1.82 -11.15 -25.41
N ALA A 340 -3.05 -10.79 -25.76
CA ALA A 340 -4.21 -11.15 -24.95
C ALA A 340 -4.33 -12.65 -24.66
N SER A 341 -3.99 -13.48 -25.64
CA SER A 341 -4.10 -14.94 -25.47
C SER A 341 -3.14 -15.52 -24.43
N ASP A 342 -2.14 -14.74 -24.02
CA ASP A 342 -1.17 -15.21 -23.02
C ASP A 342 -1.72 -15.20 -21.60
N PHE A 343 -2.92 -14.66 -21.43
CA PHE A 343 -3.51 -14.55 -20.09
C PHE A 343 -4.84 -15.27 -19.97
N VAL A 344 -5.04 -15.95 -18.84
CA VAL A 344 -6.28 -16.67 -18.58
C VAL A 344 -7.46 -15.70 -18.55
N SER A 345 -7.25 -14.54 -17.93
CA SER A 345 -8.28 -13.52 -17.85
C SER A 345 -7.72 -12.11 -17.84
N LEU A 346 -8.47 -11.20 -18.46
CA LEU A 346 -8.15 -9.77 -18.45
C LEU A 346 -9.37 -9.01 -17.91
N ASP A 347 -10.21 -9.72 -17.16
CA ASP A 347 -11.38 -9.14 -16.52
C ASP A 347 -10.88 -8.34 -15.31
N THR A 348 -10.76 -7.03 -15.48
CA THR A 348 -10.21 -6.18 -14.45
C THR A 348 -11.05 -6.05 -13.18
N SER A 349 -12.29 -6.51 -13.22
CA SER A 349 -13.15 -6.43 -12.03
C SER A 349 -12.66 -7.37 -10.94
N LEU A 350 -11.83 -8.34 -11.31
CA LEU A 350 -11.28 -9.31 -10.36
C LEU A 350 -10.22 -8.72 -9.44
N ALA A 351 -9.70 -7.53 -9.76
CA ALA A 351 -8.62 -6.93 -8.98
C ALA A 351 -8.98 -6.57 -7.54
N THR A 352 -10.25 -6.28 -7.31
CA THR A 352 -10.70 -5.87 -5.98
C THR A 352 -11.56 -6.89 -5.24
N VAL A 353 -11.48 -8.15 -5.67
CA VAL A 353 -12.17 -9.22 -4.97
C VAL A 353 -11.59 -9.30 -3.54
N SER A 354 -12.42 -9.75 -2.60
CA SER A 354 -12.03 -9.78 -1.20
C SER A 354 -10.81 -10.62 -0.87
N ARG A 355 -9.95 -10.07 0.00
CA ARG A 355 -8.81 -10.81 0.54
C ARG A 355 -9.37 -11.86 1.51
N ASP A 356 -8.54 -12.83 1.87
CA ASP A 356 -8.89 -13.76 2.93
C ASP A 356 -8.99 -12.90 4.20
N ASN A 357 -9.65 -13.41 5.24
CA ASN A 357 -9.75 -12.62 6.46
C ASN A 357 -8.42 -12.47 7.19
N ASP A 358 -7.39 -13.22 6.75
CA ASP A 358 -6.06 -13.05 7.32
C ASP A 358 -5.22 -12.05 6.51
N GLY A 359 -5.80 -11.56 5.43
CA GLY A 359 -5.13 -10.57 4.59
C GLY A 359 -4.65 -11.06 3.24
N THR A 360 -4.57 -12.37 3.06
CA THR A 360 -4.04 -12.94 1.81
C THR A 360 -4.81 -12.47 0.58
N LEU A 361 -4.05 -12.01 -0.42
CA LEU A 361 -4.65 -11.56 -1.68
C LEU A 361 -5.48 -12.68 -2.30
N PRO A 362 -6.60 -12.33 -2.95
CA PRO A 362 -7.45 -13.34 -3.57
C PRO A 362 -6.72 -14.00 -4.74
N GLU A 363 -6.97 -15.29 -4.91
CA GLU A 363 -6.36 -16.04 -6.00
C GLU A 363 -7.36 -16.04 -7.16
N THR A 364 -7.09 -15.22 -8.17
CA THR A 364 -7.97 -15.12 -9.33
C THR A 364 -7.17 -15.39 -10.61
N SER A 365 -7.87 -15.38 -11.75
CA SER A 365 -7.23 -15.64 -13.03
C SER A 365 -6.69 -14.38 -13.70
N LEU A 366 -6.92 -13.21 -13.10
CA LEU A 366 -6.50 -11.94 -13.68
C LEU A 366 -4.98 -11.81 -13.82
N PHE A 367 -4.54 -11.69 -15.07
CA PHE A 367 -3.12 -11.57 -15.41
C PHE A 367 -2.31 -12.84 -15.19
N ARG A 368 -2.99 -13.95 -14.90
CA ARG A 368 -2.30 -15.24 -14.78
C ARG A 368 -2.05 -15.77 -16.19
N LEU A 369 -0.94 -16.47 -16.37
CA LEU A 369 -0.55 -16.98 -17.69
C LEU A 369 -1.36 -18.19 -18.14
N SER A 370 -1.75 -18.19 -19.41
CA SER A 370 -2.44 -19.34 -19.99
C SER A 370 -1.44 -20.48 -20.15
N ALA A 371 -1.95 -21.72 -20.11
CA ALA A 371 -1.11 -22.90 -20.18
C ALA A 371 -0.25 -23.01 -21.45
N ASN A 372 -0.73 -22.45 -22.55
CA ASN A 372 -0.02 -22.55 -23.82
C ASN A 372 0.84 -21.33 -24.17
N SER A 373 1.02 -20.44 -23.21
CA SER A 373 1.82 -19.23 -23.42
C SER A 373 3.32 -19.50 -23.50
N LYS A 374 3.99 -18.82 -24.42
CA LYS A 374 5.44 -18.93 -24.55
C LYS A 374 6.17 -18.11 -23.48
N LEU A 375 5.41 -17.42 -22.63
CA LEU A 375 6.01 -16.65 -21.54
C LEU A 375 6.46 -17.55 -20.39
N ILE A 376 5.94 -18.78 -20.37
CA ILE A 376 6.30 -19.75 -19.33
C ILE A 376 7.76 -20.20 -19.47
N ASN A 377 8.49 -20.14 -18.36
CA ASN A 377 9.91 -20.53 -18.30
C ASN A 377 10.83 -19.73 -19.22
N ALA A 378 10.38 -18.54 -19.63
CA ALA A 378 11.11 -17.72 -20.59
C ALA A 378 12.00 -16.64 -19.99
N GLY A 379 11.97 -16.48 -18.67
CA GLY A 379 12.74 -15.44 -18.03
C GLY A 379 14.12 -15.83 -17.56
N THR A 380 14.88 -14.85 -17.10
CA THR A 380 16.21 -15.07 -16.55
C THR A 380 16.13 -15.40 -15.06
N LYS A 381 17.06 -16.20 -14.58
CA LYS A 381 17.09 -16.62 -13.18
C LYS A 381 17.71 -15.55 -12.28
N GLU A 382 16.95 -14.48 -12.04
CA GLU A 382 17.41 -13.38 -11.20
C GLU A 382 17.48 -13.81 -9.73
N SER A 383 18.49 -13.31 -9.03
CA SER A 383 18.67 -13.64 -7.63
C SER A 383 17.46 -13.26 -6.79
N ASN A 384 17.05 -14.16 -5.92
CA ASN A 384 15.93 -13.96 -4.99
C ASN A 384 14.54 -13.89 -5.65
N ILE A 385 14.44 -14.36 -6.88
CA ILE A 385 13.15 -14.46 -7.56
C ILE A 385 12.73 -15.93 -7.56
N SER A 386 11.58 -16.21 -6.94
CA SER A 386 11.06 -17.57 -6.87
C SER A 386 10.52 -18.00 -8.24
N TYR A 387 10.56 -19.30 -8.49
CA TYR A 387 10.02 -19.84 -9.74
C TYR A 387 9.78 -21.35 -9.67
N SER A 388 8.94 -21.81 -10.59
CA SER A 388 8.69 -23.23 -10.76
C SER A 388 9.21 -23.59 -12.15
N GLY A 389 9.30 -24.88 -12.46
CA GLY A 389 9.82 -25.27 -13.75
C GLY A 389 11.31 -24.96 -13.90
N SER A 390 11.72 -24.65 -15.12
CA SER A 390 13.12 -24.40 -15.42
C SER A 390 13.65 -22.98 -15.18
N ALA A 391 12.74 -22.00 -15.20
CA ALA A 391 13.12 -20.60 -15.01
C ALA A 391 11.90 -19.75 -14.72
N PRO A 392 12.09 -18.50 -14.23
CA PRO A 392 10.94 -17.65 -13.93
C PRO A 392 10.12 -17.36 -15.19
N ASP A 393 8.79 -17.39 -15.05
CA ASP A 393 7.91 -17.05 -16.16
C ASP A 393 7.91 -15.52 -16.28
N LEU A 394 7.73 -15.00 -17.49
CA LEU A 394 7.67 -13.55 -17.66
C LEU A 394 6.43 -12.98 -16.98
N GLY A 395 6.59 -11.82 -16.34
CA GLY A 395 5.47 -11.19 -15.67
C GLY A 395 5.41 -11.39 -14.16
N ALA A 396 4.34 -10.87 -13.56
CA ALA A 396 4.16 -10.88 -12.11
C ALA A 396 3.71 -12.21 -11.52
N PHE A 397 3.20 -13.12 -12.35
CA PHE A 397 2.65 -14.38 -11.85
C PHE A 397 3.25 -15.64 -12.44
N GLU A 398 3.79 -16.47 -11.55
CA GLU A 398 4.35 -17.76 -11.94
C GLU A 398 3.21 -18.75 -12.15
N ARG A 399 3.18 -19.38 -13.32
CA ARG A 399 2.15 -20.37 -13.65
C ARG A 399 2.32 -21.60 -12.78
N ASN A 400 1.39 -21.79 -11.84
CA ASN A 400 1.43 -22.91 -10.90
C ASN A 400 0.12 -23.70 -10.90
#